data_1W8K
#
_entry.id   1W8K
#
_cell.length_a   150.030
_cell.length_b   53.760
_cell.length_c   60.290
_cell.angle_alpha   90.00
_cell.angle_beta   113.18
_cell.angle_gamma   90.00
#
_symmetry.space_group_name_H-M   'C 1 2 1'
#
loop_
_entity.id
_entity.type
_entity.pdbx_description
1 polymer 'APICAL MEMBRANE ANTIGEN 1'
2 non-polymer IMIDAZOLE
3 water water
#
_entity_poly.entity_id   1
_entity_poly.type   'polypeptide(L)'
_entity_poly.pdbx_seq_one_letter_code
;SIPTVERSTRMSNPWKAFMEKYDIERTHSSGVRVDLGEDAEVENAKYRIPAGRCPVFGKGIVIENSDVSFLRPVATGDQK
LKDGGFAFPNANDHISPMTLANLKERYKDNVEMMKLNDIALCRTHAASFVMAGDQNSNYRHPAVYDEKEKTCHMLYLSAQ
ENMGPRYCSPDAQNRDAVFCFKPDKDESFENLVYLSKNVRNDWDKKCPRKNLGNAKFGLWVDGNCEEIPYVKEVEAEDLR
ECNRIVFGASASDQPTQYEEEMTDYQKIQQGFRQNNREMIKSAFLPVGAFNSDNFKSKGRGFNWANFDSVKKKCYIFNTK
PTCLINDKNFIATTALSHPQEVDLEFPCSIYKDEIEREIKKQSRNMNLYSVDGERIVLPRIFISNDKESIKCPCEPERIS
QSTCNFYVCNCVEKRAEIKENNQVVIKEEFRDYYENGEEKSNKQMLL
;
_entity_poly.pdbx_strand_id   A
#
loop_
_chem_comp.id
_chem_comp.type
_chem_comp.name
_chem_comp.formula
IMD non-polymer IMIDAZOLE 'C3 H5 N2 1'
#
# COMPACT_ATOMS: atom_id res chain seq x y z
N PRO A 3 -44.01 9.69 -12.06
CA PRO A 3 -42.71 10.15 -11.56
C PRO A 3 -42.38 9.56 -10.19
N THR A 4 -41.91 8.32 -10.20
CA THR A 4 -41.56 7.66 -8.95
C THR A 4 -40.09 7.83 -8.67
N VAL A 5 -39.73 7.84 -7.38
CA VAL A 5 -38.36 7.69 -6.94
C VAL A 5 -38.31 6.42 -6.13
N GLU A 6 -37.23 5.66 -6.23
CA GLU A 6 -37.13 4.43 -5.45
C GLU A 6 -35.66 4.19 -5.12
N ARG A 7 -35.38 3.23 -4.24
CA ARG A 7 -33.99 2.79 -3.98
C ARG A 7 -33.57 1.59 -4.85
N SER A 8 -32.44 1.74 -5.54
CA SER A 8 -31.76 0.62 -6.16
C SER A 8 -31.54 -0.58 -5.24
N THR A 9 -31.65 -1.76 -5.80
CA THR A 9 -31.29 -3.01 -5.09
C THR A 9 -29.82 -3.38 -5.40
N ARG A 10 -29.21 -2.65 -6.32
CA ARG A 10 -27.86 -3.00 -6.79
C ARG A 10 -26.85 -2.70 -5.70
N MET A 11 -26.04 -3.70 -5.34
CA MET A 11 -25.03 -3.48 -4.28
C MET A 11 -23.67 -3.24 -4.89
N SER A 12 -23.36 -1.96 -4.97
CA SER A 12 -22.18 -1.32 -5.51
C SER A 12 -21.11 -1.02 -4.48
N ASN A 13 -20.08 -0.32 -4.95
CA ASN A 13 -19.15 0.41 -4.09
C ASN A 13 -18.49 1.51 -4.91
N PRO A 14 -18.71 2.80 -4.55
CA PRO A 14 -18.19 3.91 -5.36
C PRO A 14 -16.67 4.10 -5.20
N TRP A 15 -16.06 3.34 -4.26
CA TRP A 15 -14.60 3.37 -4.01
C TRP A 15 -13.80 2.38 -4.79
N LYS A 16 -14.48 1.58 -5.60
CA LYS A 16 -13.84 0.48 -6.30
C LYS A 16 -12.51 0.89 -6.97
N ALA A 17 -12.58 1.80 -7.95
CA ALA A 17 -11.36 2.27 -8.64
C ALA A 17 -10.33 2.90 -7.70
N PHE A 18 -10.79 3.75 -6.77
CA PHE A 18 -9.86 4.47 -5.86
C PHE A 18 -9.06 3.41 -5.07
N MET A 19 -9.75 2.38 -4.60
CA MET A 19 -9.04 1.42 -3.70
C MET A 19 -8.20 0.31 -4.27
N GLU A 20 -8.17 0.16 -5.60
CA GLU A 20 -7.44 -0.96 -6.21
C GLU A 20 -5.98 -0.92 -5.76
N LYS A 21 -5.42 0.28 -5.71
CA LYS A 21 -4.01 0.38 -5.35
C LYS A 21 -3.67 -0.17 -3.94
N TYR A 22 -4.66 -0.18 -3.03
CA TYR A 22 -4.51 -0.72 -1.65
C TYR A 22 -4.79 -2.21 -1.52
N ASP A 23 -5.09 -2.90 -2.64
CA ASP A 23 -5.29 -4.28 -2.60
C ASP A 23 -3.90 -4.89 -2.78
N ILE A 24 -3.12 -4.88 -1.73
CA ILE A 24 -1.70 -5.29 -1.79
C ILE A 24 -1.48 -6.73 -2.24
N GLU A 25 -2.29 -7.67 -1.74
CA GLU A 25 -2.32 -9.03 -2.34
C GLU A 25 -2.41 -9.11 -3.88
N ARG A 26 -3.32 -8.35 -4.48
CA ARG A 26 -3.51 -8.38 -5.90
C ARG A 26 -2.50 -7.50 -6.63
N THR A 27 -2.13 -6.36 -6.05
CA THR A 27 -1.29 -5.44 -6.76
C THR A 27 0.23 -5.68 -6.53
N HIS A 28 0.60 -6.07 -5.33
CA HIS A 28 2.04 -6.26 -4.99
C HIS A 28 2.38 -7.76 -5.14
N SER A 29 1.57 -8.60 -4.51
CA SER A 29 1.55 -10.07 -4.61
C SER A 29 2.79 -10.81 -4.11
N SER A 30 3.45 -10.29 -3.09
CA SER A 30 4.66 -10.92 -2.58
C SER A 30 4.83 -10.30 -1.20
N GLY A 31 5.89 -10.69 -0.51
CA GLY A 31 6.17 -10.18 0.80
C GLY A 31 6.50 -8.69 0.70
N VAL A 32 6.35 -8.02 1.83
CA VAL A 32 6.65 -6.65 1.93
C VAL A 32 7.84 -6.46 2.89
N ARG A 33 7.68 -6.93 4.12
CA ARG A 33 8.71 -6.81 5.13
C ARG A 33 9.91 -7.60 4.64
N VAL A 34 9.72 -8.88 4.26
CA VAL A 34 10.71 -9.63 3.51
C VAL A 34 10.06 -10.17 2.22
N ASP A 35 10.65 -9.83 1.11
CA ASP A 35 10.13 -10.24 -0.21
C ASP A 35 11.10 -11.25 -0.84
N LEU A 36 10.65 -12.49 -0.89
CA LEU A 36 11.42 -13.57 -1.49
C LEU A 36 10.44 -14.43 -2.23
N GLY A 37 9.69 -13.79 -3.13
CA GLY A 37 8.47 -14.37 -3.68
C GLY A 37 8.61 -15.27 -4.88
N GLU A 38 9.79 -15.28 -5.47
CA GLU A 38 10.02 -16.15 -6.59
C GLU A 38 11.19 -17.04 -6.33
N ASP A 39 11.23 -18.12 -7.10
CA ASP A 39 12.37 -19.00 -7.16
C ASP A 39 13.09 -18.81 -8.49
N ALA A 40 14.40 -18.96 -8.48
CA ALA A 40 15.22 -18.83 -9.67
C ALA A 40 16.38 -19.79 -9.49
N GLU A 41 16.85 -20.39 -10.56
CA GLU A 41 17.97 -21.32 -10.45
C GLU A 41 19.17 -20.76 -11.17
N VAL A 42 20.34 -20.76 -10.52
CA VAL A 42 21.60 -20.40 -11.19
C VAL A 42 22.38 -21.68 -11.40
N GLU A 43 22.65 -21.99 -12.68
CA GLU A 43 22.96 -23.35 -13.16
C GLU A 43 21.98 -24.39 -12.57
N ASN A 44 22.50 -25.31 -11.77
CA ASN A 44 21.66 -26.08 -10.90
C ASN A 44 21.97 -25.48 -9.56
N ALA A 45 20.90 -25.12 -8.82
CA ALA A 45 20.94 -24.34 -7.57
C ALA A 45 19.69 -23.42 -7.49
N LYS A 46 18.66 -23.86 -6.74
CA LYS A 46 17.40 -23.11 -6.57
C LYS A 46 17.55 -22.00 -5.53
N TYR A 47 17.35 -20.76 -5.95
CA TYR A 47 17.48 -19.63 -5.03
C TYR A 47 16.17 -18.86 -4.97
N ARG A 48 15.94 -18.19 -3.84
CA ARG A 48 14.77 -17.26 -3.64
C ARG A 48 15.13 -15.81 -3.94
N ILE A 49 14.27 -15.08 -4.63
CA ILE A 49 14.54 -13.68 -4.97
C ILE A 49 13.26 -12.84 -4.80
N PRO A 50 13.42 -11.56 -4.37
CA PRO A 50 12.31 -10.55 -4.40
C PRO A 50 11.49 -10.56 -5.67
N ALA A 51 10.16 -10.46 -5.49
CA ALA A 51 9.20 -10.66 -6.57
C ALA A 51 8.11 -9.60 -6.56
N GLY A 52 8.03 -8.73 -5.55
CA GLY A 52 6.83 -7.84 -5.52
C GLY A 52 6.72 -6.85 -6.65
N ARG A 53 5.48 -6.56 -7.05
CA ARG A 53 5.23 -5.59 -8.06
C ARG A 53 5.15 -4.11 -7.68
N CYS A 54 5.18 -3.80 -6.37
CA CYS A 54 5.22 -2.43 -5.90
C CYS A 54 6.54 -2.00 -5.21
N PRO A 55 6.91 -0.71 -5.31
CA PRO A 55 8.12 -0.25 -4.62
C PRO A 55 7.81 -0.19 -3.15
N VAL A 56 8.82 -0.38 -2.27
CA VAL A 56 8.52 -0.31 -0.88
C VAL A 56 9.26 0.99 -0.40
N PHE A 57 8.51 2.04 -0.02
CA PHE A 57 9.04 3.41 0.25
C PHE A 57 9.55 3.41 1.63
N GLY A 58 10.86 3.63 1.73
CA GLY A 58 11.46 3.93 2.99
C GLY A 58 12.10 2.71 3.66
N LYS A 59 12.11 1.58 3.00
CA LYS A 59 12.70 0.30 3.51
C LYS A 59 14.23 0.27 3.34
N GLY A 60 14.92 -0.30 4.31
CA GLY A 60 16.30 -0.48 4.12
C GLY A 60 16.62 -1.67 4.97
N ILE A 61 17.90 -1.99 5.03
CA ILE A 61 18.36 -3.15 5.86
C ILE A 61 19.28 -2.66 6.99
N VAL A 62 18.94 -2.93 8.24
CA VAL A 62 19.82 -2.56 9.34
C VAL A 62 20.78 -3.72 9.65
N ILE A 63 22.07 -3.44 9.74
CA ILE A 63 23.05 -4.47 10.16
C ILE A 63 23.29 -4.31 11.65
N GLU A 64 23.05 -5.38 12.41
CA GLU A 64 23.08 -5.33 13.86
C GLU A 64 24.54 -5.17 14.31
N ASN A 65 24.72 -4.45 15.41
CA ASN A 65 26.05 -4.18 15.94
C ASN A 65 27.09 -3.91 14.85
N SER A 66 26.72 -3.05 13.91
CA SER A 66 27.62 -2.55 12.85
C SER A 66 27.18 -1.17 12.49
N ASP A 67 28.07 -0.43 11.84
CA ASP A 67 27.77 0.95 11.42
C ASP A 67 27.86 1.14 9.91
N VAL A 68 28.32 0.10 9.21
CA VAL A 68 28.32 0.04 7.75
C VAL A 68 26.87 0.08 7.24
N SER A 69 26.59 0.95 6.25
CA SER A 69 25.31 0.95 5.52
C SER A 69 25.18 -0.23 4.55
N PHE A 70 23.96 -0.77 4.43
CA PHE A 70 23.74 -1.89 3.51
C PHE A 70 23.95 -1.45 2.09
N LEU A 71 24.01 -0.13 1.87
CA LEU A 71 24.23 0.36 0.50
C LEU A 71 25.72 0.36 0.11
N ARG A 72 26.61 0.08 1.07
CA ARG A 72 28.03 -0.14 0.76
C ARG A 72 28.24 -1.40 -0.07
N PRO A 73 29.12 -1.33 -1.07
CA PRO A 73 29.48 -2.50 -1.84
C PRO A 73 29.86 -3.59 -0.89
N VAL A 74 29.56 -4.82 -1.24
CA VAL A 74 29.90 -5.97 -0.42
C VAL A 74 31.45 -6.01 -0.27
N ALA A 75 31.91 -6.38 0.92
CA ALA A 75 33.35 -6.57 1.15
C ALA A 75 33.84 -7.56 0.08
N THR A 76 34.56 -7.02 -0.91
CA THR A 76 35.14 -7.84 -1.97
C THR A 76 36.48 -8.44 -1.51
N GLY A 84 31.80 -4.20 4.71
CA GLY A 84 30.99 -3.82 3.54
C GLY A 84 29.49 -4.04 3.71
N GLY A 85 28.67 -3.53 2.79
CA GLY A 85 27.21 -3.73 2.85
C GLY A 85 26.62 -4.88 2.01
N PHE A 86 25.60 -4.57 1.20
CA PHE A 86 24.82 -5.54 0.38
C PHE A 86 24.93 -5.23 -1.12
N ALA A 87 25.56 -4.09 -1.45
CA ALA A 87 25.50 -3.51 -2.80
C ALA A 87 26.45 -4.17 -3.83
N PHE A 88 26.26 -3.89 -5.11
CA PHE A 88 27.25 -4.39 -6.06
C PHE A 88 28.68 -3.84 -5.78
N PRO A 89 29.68 -4.71 -5.91
CA PRO A 89 31.05 -4.38 -5.50
C PRO A 89 31.78 -3.69 -6.62
N ASN A 90 33.07 -3.41 -6.35
CA ASN A 90 34.11 -3.18 -7.39
C ASN A 90 33.61 -2.59 -8.68
N ALA A 91 33.33 -3.49 -9.63
CA ALA A 91 32.92 -3.15 -10.98
C ALA A 91 33.94 -2.14 -11.46
N ASN A 92 33.47 -1.00 -11.98
CA ASN A 92 34.32 0.17 -12.13
C ASN A 92 33.66 1.36 -11.39
N ASP A 93 32.59 1.05 -10.63
CA ASP A 93 31.53 2.01 -10.20
C ASP A 93 30.62 2.23 -11.42
N HIS A 94 30.93 1.52 -12.51
CA HIS A 94 30.30 1.77 -13.81
C HIS A 94 28.94 1.12 -14.03
N ILE A 95 28.51 0.19 -13.17
CA ILE A 95 27.12 -0.33 -13.24
C ILE A 95 26.32 0.04 -11.99
N SER A 96 26.99 0.12 -10.85
CA SER A 96 26.33 0.52 -9.63
C SER A 96 27.39 1.03 -8.65
N PRO A 97 27.16 2.09 -7.90
CA PRO A 97 25.94 2.91 -7.94
C PRO A 97 25.95 3.74 -9.20
N MET A 98 24.79 4.19 -9.64
CA MET A 98 24.74 5.04 -10.79
C MET A 98 23.77 6.14 -10.52
N THR A 99 24.17 7.37 -10.82
CA THR A 99 23.27 8.52 -10.67
C THR A 99 22.22 8.53 -11.74
N LEU A 100 21.10 9.21 -11.44
CA LEU A 100 20.10 9.48 -12.45
C LEU A 100 20.72 10.05 -13.74
N ALA A 101 21.55 11.06 -13.62
CA ALA A 101 22.26 11.63 -14.79
C ALA A 101 22.97 10.57 -15.65
N ASN A 102 23.67 9.64 -14.97
CA ASN A 102 24.45 8.59 -15.57
C ASN A 102 23.55 7.54 -16.21
N LEU A 103 22.43 7.26 -15.55
CA LEU A 103 21.38 6.42 -16.12
C LEU A 103 20.79 7.03 -17.37
N LYS A 104 20.52 8.34 -17.33
CA LYS A 104 19.95 9.04 -18.47
C LYS A 104 20.97 9.11 -19.63
N GLU A 105 22.26 9.15 -19.28
CA GLU A 105 23.36 9.13 -20.25
C GLU A 105 23.42 7.78 -20.99
N ARG A 106 23.66 6.72 -20.21
CA ARG A 106 23.71 5.34 -20.70
C ARG A 106 22.57 4.97 -21.61
N TYR A 107 21.35 5.40 -21.30
CA TYR A 107 20.16 4.96 -22.02
C TYR A 107 19.50 6.01 -22.89
N LYS A 108 20.25 7.08 -23.17
CA LYS A 108 19.78 8.21 -24.02
C LYS A 108 19.15 7.89 -25.38
N ASP A 109 19.67 6.90 -26.08
CA ASP A 109 19.13 6.59 -27.42
C ASP A 109 18.11 5.47 -27.37
N ASN A 110 17.69 5.10 -26.15
CA ASN A 110 16.59 4.17 -25.97
C ASN A 110 15.28 4.92 -25.70
N VAL A 111 14.46 5.09 -26.74
CA VAL A 111 13.23 5.91 -26.65
C VAL A 111 12.29 5.46 -25.54
N GLU A 112 12.26 4.16 -25.29
CA GLU A 112 11.34 3.58 -24.33
C GLU A 112 11.85 3.73 -22.92
N MET A 113 13.15 3.58 -22.74
CA MET A 113 13.76 3.75 -21.42
C MET A 113 13.80 5.19 -21.00
N MET A 114 13.87 6.10 -21.97
CA MET A 114 13.75 7.51 -21.70
C MET A 114 12.33 7.93 -21.32
N LYS A 115 11.33 7.10 -21.55
CA LYS A 115 9.98 7.44 -21.15
C LYS A 115 9.68 7.10 -19.66
N LEU A 116 10.53 6.24 -19.06
CA LEU A 116 10.31 5.70 -17.70
C LEU A 116 10.53 6.80 -16.67
N ASN A 117 9.76 6.78 -15.58
CA ASN A 117 10.05 7.66 -14.47
C ASN A 117 11.34 7.24 -13.80
N ASP A 118 11.89 8.07 -12.90
CA ASP A 118 13.23 7.79 -12.36
C ASP A 118 13.35 6.45 -11.60
N ILE A 119 12.32 6.06 -10.86
CA ILE A 119 12.32 4.82 -10.09
C ILE A 119 12.34 3.64 -11.06
N ALA A 120 11.50 3.72 -12.09
CA ALA A 120 11.36 2.62 -13.05
C ALA A 120 12.62 2.43 -13.90
N LEU A 121 13.30 3.53 -14.15
CA LEU A 121 14.55 3.55 -14.89
C LEU A 121 15.64 2.88 -14.07
N CYS A 122 15.72 3.23 -12.77
CA CYS A 122 16.59 2.53 -11.87
C CYS A 122 16.28 1.00 -11.83
N ARG A 123 14.98 0.64 -11.80
CA ARG A 123 14.57 -0.71 -11.54
C ARG A 123 14.96 -1.54 -12.78
N THR A 124 14.74 -0.90 -13.90
CA THR A 124 14.86 -1.56 -15.22
C THR A 124 16.36 -1.84 -15.46
N HIS A 125 17.20 -0.82 -15.30
CA HIS A 125 18.65 -0.97 -15.31
C HIS A 125 19.11 -2.14 -14.46
N ALA A 126 18.81 -2.10 -13.15
CA ALA A 126 19.19 -3.17 -12.20
C ALA A 126 18.75 -4.54 -12.66
N ALA A 127 17.51 -4.63 -13.12
CA ALA A 127 16.91 -5.92 -13.49
C ALA A 127 17.45 -6.49 -14.79
N SER A 128 18.21 -5.71 -15.54
CA SER A 128 18.66 -6.13 -16.87
C SER A 128 19.92 -7.00 -16.81
N PHE A 129 20.58 -7.07 -15.66
CA PHE A 129 21.86 -7.73 -15.62
C PHE A 129 21.77 -9.19 -15.33
N VAL A 130 22.51 -9.94 -16.15
CA VAL A 130 22.57 -11.39 -16.18
C VAL A 130 23.96 -11.75 -15.70
N SER A 137 18.77 -18.07 -16.61
CA SER A 137 18.08 -17.93 -15.32
C SER A 137 17.14 -16.73 -15.23
N ASN A 138 16.09 -16.88 -14.45
CA ASN A 138 15.28 -15.71 -14.10
C ASN A 138 15.76 -15.01 -12.82
N TYR A 139 17.02 -15.27 -12.45
CA TYR A 139 17.66 -14.61 -11.34
C TYR A 139 18.04 -13.21 -11.75
N ARG A 140 17.31 -12.21 -11.26
CA ARG A 140 17.65 -10.83 -11.49
C ARG A 140 17.73 -10.12 -10.12
N HIS A 141 18.61 -9.14 -10.01
CA HIS A 141 18.93 -8.51 -8.69
C HIS A 141 17.93 -7.40 -8.30
N PRO A 142 17.60 -7.31 -7.01
CA PRO A 142 16.83 -6.18 -6.51
C PRO A 142 17.72 -4.91 -6.48
N ALA A 143 17.08 -3.76 -6.39
CA ALA A 143 17.76 -2.46 -6.37
C ALA A 143 17.15 -1.61 -5.26
N VAL A 144 17.92 -0.62 -4.85
CA VAL A 144 17.45 0.46 -3.97
C VAL A 144 17.67 1.79 -4.71
N TYR A 145 16.60 2.56 -4.91
CA TYR A 145 16.75 3.90 -5.53
C TYR A 145 16.69 4.90 -4.36
N ASP A 146 17.73 5.72 -4.23
CA ASP A 146 17.76 6.82 -3.20
C ASP A 146 17.28 8.05 -3.90
N GLU A 147 16.02 8.40 -3.67
CA GLU A 147 15.45 9.50 -4.32
C GLU A 147 16.07 10.89 -3.91
N LYS A 148 16.67 10.99 -2.72
CA LYS A 148 17.25 12.27 -2.25
C LYS A 148 18.57 12.57 -3.02
N GLU A 149 19.47 11.57 -3.05
CA GLU A 149 20.65 11.53 -3.90
C GLU A 149 20.42 11.15 -5.37
N LYS A 150 19.19 10.89 -5.80
CA LYS A 150 18.96 10.42 -7.17
C LYS A 150 20.05 9.41 -7.64
N THR A 151 20.18 8.32 -6.89
CA THR A 151 21.20 7.31 -7.10
C THR A 151 20.63 5.93 -6.95
N CYS A 152 20.91 5.12 -7.97
CA CYS A 152 20.41 3.77 -8.15
C CYS A 152 21.48 2.80 -7.62
N HIS A 153 21.14 1.99 -6.63
CA HIS A 153 22.06 0.92 -6.10
C HIS A 153 21.55 -0.48 -6.41
N MET A 154 22.37 -1.28 -7.09
CA MET A 154 22.05 -2.71 -7.25
C MET A 154 22.52 -3.47 -6.01
N LEU A 155 21.67 -4.37 -5.52
CA LEU A 155 21.97 -5.11 -4.30
C LEU A 155 22.51 -6.45 -4.72
N TYR A 156 23.74 -6.78 -4.27
CA TYR A 156 24.37 -8.00 -4.62
C TYR A 156 23.82 -9.13 -3.75
N LEU A 157 23.55 -8.85 -2.46
CA LEU A 157 22.86 -9.77 -1.54
C LEU A 157 21.33 -9.53 -1.54
N SER A 158 20.54 -10.58 -1.83
CA SER A 158 19.04 -10.55 -1.87
C SER A 158 18.37 -10.87 -0.49
N ALA A 159 19.14 -11.42 0.43
CA ALA A 159 18.68 -11.65 1.80
C ALA A 159 18.36 -10.30 2.49
N GLN A 160 17.32 -10.32 3.34
CA GLN A 160 16.77 -9.14 3.96
C GLN A 160 16.78 -9.28 5.45
N GLU A 161 16.81 -10.53 5.92
CA GLU A 161 16.84 -10.86 7.30
C GLU A 161 17.66 -12.14 7.56
N ASN A 162 18.44 -12.02 8.62
CA ASN A 162 18.98 -13.11 9.36
C ASN A 162 18.78 -12.63 10.79
N MET A 163 17.58 -12.97 11.25
CA MET A 163 17.19 -12.93 12.64
C MET A 163 16.14 -14.05 12.71
N TYR A 167 15.87 -15.49 17.38
CA TYR A 167 17.14 -15.29 18.05
C TYR A 167 18.24 -15.10 17.03
N CYS A 168 19.42 -14.66 17.47
CA CYS A 168 20.59 -14.58 16.59
C CYS A 168 21.67 -15.49 17.15
N SER A 169 21.41 -16.80 16.97
CA SER A 169 22.11 -17.91 17.59
C SER A 169 22.18 -19.08 16.60
N ASP A 176 30.96 -10.19 17.19
CA ASP A 176 30.20 -11.44 17.22
C ASP A 176 30.40 -12.32 16.00
N ALA A 177 30.05 -13.59 16.18
CA ALA A 177 30.36 -14.66 15.25
C ALA A 177 29.30 -14.80 14.16
N VAL A 178 28.16 -14.16 14.38
CA VAL A 178 27.07 -14.14 13.40
C VAL A 178 26.82 -12.73 12.77
N PHE A 179 26.53 -12.75 11.48
CA PHE A 179 26.13 -11.61 10.68
C PHE A 179 24.59 -11.46 10.81
N CYS A 180 24.16 -10.53 11.66
CA CYS A 180 22.75 -10.30 11.94
C CYS A 180 22.24 -9.05 11.24
N PHE A 181 21.04 -9.13 10.67
CA PHE A 181 20.46 -7.97 9.95
C PHE A 181 18.95 -8.14 9.82
N LYS A 182 18.23 -7.04 9.57
CA LYS A 182 16.79 -7.13 9.51
C LYS A 182 16.30 -5.95 8.68
N PRO A 183 15.17 -6.07 8.03
CA PRO A 183 14.58 -4.88 7.40
C PRO A 183 13.88 -3.99 8.38
N ASP A 184 13.88 -2.70 8.05
CA ASP A 184 13.29 -1.74 8.91
C ASP A 184 12.96 -0.48 8.12
N LYS A 185 12.16 0.38 8.75
CA LYS A 185 12.00 1.74 8.23
C LYS A 185 12.46 2.71 9.33
N ASP A 186 13.34 3.62 8.99
CA ASP A 186 13.69 4.66 9.98
C ASP A 186 14.09 5.89 9.20
N GLU A 187 14.41 6.99 9.89
CA GLU A 187 14.67 8.23 9.17
C GLU A 187 15.82 8.13 8.18
N SER A 188 16.90 7.39 8.50
CA SER A 188 18.02 7.32 7.58
C SER A 188 17.66 6.56 6.32
N PHE A 189 16.55 5.82 6.31
CA PHE A 189 16.13 5.11 5.06
C PHE A 189 14.95 5.82 4.39
N GLU A 190 14.55 6.98 4.89
CA GLU A 190 13.21 7.50 4.44
C GLU A 190 13.05 7.87 2.97
N ASN A 191 14.16 8.20 2.32
CA ASN A 191 14.18 8.58 0.93
C ASN A 191 14.49 7.39 0.00
N LEU A 192 14.68 6.22 0.59
CA LEU A 192 15.05 5.02 -0.14
C LEU A 192 13.83 4.35 -0.66
N VAL A 193 13.98 3.68 -1.82
CA VAL A 193 12.89 2.88 -2.42
C VAL A 193 13.40 1.48 -2.82
N TYR A 194 12.89 0.46 -2.15
CA TYR A 194 13.39 -0.88 -2.26
C TYR A 194 12.61 -1.50 -3.41
N LEU A 195 13.35 -1.96 -4.40
CA LEU A 195 12.78 -2.37 -5.68
C LEU A 195 13.12 -3.78 -6.03
N SER A 196 12.13 -4.65 -6.18
CA SER A 196 12.42 -5.96 -6.74
C SER A 196 12.49 -5.88 -8.26
N LYS A 197 13.00 -6.94 -8.90
CA LYS A 197 13.06 -6.94 -10.35
C LYS A 197 11.71 -6.89 -11.07
N ASN A 198 10.63 -7.19 -10.34
CA ASN A 198 9.25 -7.18 -10.89
C ASN A 198 8.48 -5.89 -10.78
N VAL A 199 9.04 -4.85 -10.12
CA VAL A 199 8.25 -3.65 -9.89
C VAL A 199 7.67 -3.04 -11.13
N ARG A 200 6.35 -2.79 -11.11
CA ARG A 200 5.61 -2.13 -12.23
C ARG A 200 6.17 -0.78 -12.59
N ASN A 201 6.32 -0.52 -13.88
CA ASN A 201 6.79 0.79 -14.31
C ASN A 201 5.75 1.86 -14.02
N ASP A 202 4.47 1.47 -13.98
CA ASP A 202 3.41 2.41 -13.63
C ASP A 202 3.01 2.36 -12.14
N TRP A 203 3.95 1.95 -11.29
CA TRP A 203 3.73 1.92 -9.84
C TRP A 203 3.01 3.20 -9.31
N ASP A 204 3.19 4.32 -9.99
CA ASP A 204 2.71 5.59 -9.44
C ASP A 204 1.19 5.68 -9.51
N LYS A 205 0.57 4.88 -10.39
CA LYS A 205 -0.89 4.82 -10.48
C LYS A 205 -1.42 3.60 -9.83
N LYS A 206 -0.57 2.60 -9.64
CA LYS A 206 -1.05 1.27 -9.24
C LYS A 206 -0.69 0.84 -7.84
N CYS A 207 0.16 1.64 -7.19
CA CYS A 207 0.76 1.21 -5.93
C CYS A 207 0.62 2.37 -4.98
N PRO A 208 0.65 2.05 -3.69
CA PRO A 208 0.67 3.04 -2.61
C PRO A 208 1.91 3.90 -2.52
N ARG A 209 1.74 5.17 -2.29
CA ARG A 209 2.95 5.89 -1.93
C ARG A 209 2.63 6.85 -0.78
N LYS A 210 1.77 7.83 -1.06
CA LYS A 210 1.49 8.84 -0.06
C LYS A 210 0.50 8.30 1.02
N ASN A 211 0.54 8.85 2.24
CA ASN A 211 -0.38 8.55 3.27
C ASN A 211 -1.61 9.45 3.10
N LEU A 212 -2.76 8.94 3.48
CA LEU A 212 -4.05 9.64 3.26
C LEU A 212 -4.44 10.30 4.58
N GLY A 213 -4.21 11.61 4.65
CA GLY A 213 -4.65 12.45 5.76
C GLY A 213 -6.16 12.69 5.81
N ASN A 214 -6.67 12.97 7.02
CA ASN A 214 -8.12 13.09 7.25
C ASN A 214 -8.90 11.83 6.76
N ALA A 215 -8.27 10.66 6.90
CA ALA A 215 -8.89 9.46 6.50
C ALA A 215 -8.42 8.29 7.33
N LYS A 216 -9.33 7.35 7.52
CA LYS A 216 -9.00 6.02 8.03
C LYS A 216 -9.56 4.99 7.04
N PHE A 217 -8.88 3.87 6.91
CA PHE A 217 -9.39 2.75 6.02
C PHE A 217 -10.61 2.14 6.65
N GLY A 218 -11.52 1.60 5.83
CA GLY A 218 -12.65 0.98 6.41
C GLY A 218 -13.15 -0.05 5.47
N LEU A 219 -14.38 -0.49 5.74
CA LEU A 219 -14.99 -1.55 4.92
C LEU A 219 -16.36 -1.05 4.34
N TRP A 220 -16.65 -1.34 3.07
CA TRP A 220 -17.92 -0.81 2.57
C TRP A 220 -19.02 -1.81 2.88
N VAL A 221 -20.04 -1.35 3.61
CA VAL A 221 -21.16 -2.17 4.06
C VAL A 221 -22.47 -1.51 3.60
N ASP A 222 -22.97 -1.95 2.46
CA ASP A 222 -24.18 -1.44 1.89
C ASP A 222 -24.43 0.07 2.02
N GLY A 223 -23.56 0.92 1.44
CA GLY A 223 -23.87 2.30 1.29
C GLY A 223 -23.22 3.27 2.24
N ASN A 224 -22.37 2.78 3.14
CA ASN A 224 -21.56 3.66 3.99
C ASN A 224 -20.25 2.91 4.21
N CYS A 225 -19.18 3.67 4.46
CA CYS A 225 -17.87 3.15 4.89
C CYS A 225 -17.80 2.96 6.42
N GLU A 226 -17.66 1.71 6.85
CA GLU A 226 -17.72 1.32 8.26
C GLU A 226 -16.36 0.95 8.87
N GLU A 227 -16.23 1.16 10.18
CA GLU A 227 -15.04 0.73 10.92
C GLU A 227 -14.74 -0.76 10.79
N ILE A 228 -13.44 -1.09 10.74
CA ILE A 228 -12.94 -2.48 10.71
C ILE A 228 -12.97 -2.97 12.13
N PRO A 229 -13.84 -3.93 12.44
CA PRO A 229 -13.96 -4.37 13.82
C PRO A 229 -12.74 -5.14 14.38
N TYR A 230 -12.06 -5.94 13.58
CA TYR A 230 -10.95 -6.68 14.18
C TYR A 230 -9.62 -6.04 13.77
N VAL A 231 -8.99 -5.31 14.67
CA VAL A 231 -7.69 -4.74 14.40
C VAL A 231 -6.76 -5.03 15.57
N LYS A 232 -5.45 -4.89 15.36
CA LYS A 232 -4.54 -4.84 16.47
C LYS A 232 -4.18 -3.43 16.84
N GLU A 233 -4.46 -3.05 18.08
CA GLU A 233 -4.10 -1.72 18.58
C GLU A 233 -2.69 -1.62 19.20
N VAL A 234 -1.89 -0.63 18.76
CA VAL A 234 -0.47 -0.46 19.16
C VAL A 234 -0.17 1.01 19.50
N GLU A 235 0.64 1.27 20.53
CA GLU A 235 1.04 2.66 20.78
C GLU A 235 1.92 3.19 19.65
N ALA A 236 1.64 4.41 19.16
CA ALA A 236 2.56 5.07 18.20
C ALA A 236 2.65 6.55 18.44
N GLU A 237 3.88 7.08 18.54
CA GLU A 237 4.07 8.48 18.83
C GLU A 237 3.75 9.42 17.67
N ASP A 238 3.99 8.97 16.42
CA ASP A 238 3.73 9.80 15.25
C ASP A 238 3.51 8.82 14.11
N LEU A 239 3.17 9.38 12.94
CA LEU A 239 3.00 8.64 11.67
C LEU A 239 4.19 7.77 11.40
N ARG A 240 5.42 8.29 11.51
CA ARG A 240 6.62 7.49 11.16
C ARG A 240 6.59 6.18 11.90
N GLU A 241 6.26 6.25 13.18
CA GLU A 241 6.30 5.06 14.01
C GLU A 241 5.16 4.10 13.67
N CYS A 242 3.98 4.64 13.35
CA CYS A 242 2.87 3.77 12.91
C CYS A 242 3.22 3.08 11.56
N ASN A 243 3.83 3.84 10.66
CA ASN A 243 4.21 3.28 9.36
C ASN A 243 5.35 2.29 9.65
N ARG A 244 6.20 2.54 10.63
CA ARG A 244 7.25 1.53 10.92
C ARG A 244 6.65 0.21 11.48
N ILE A 245 5.62 0.32 12.35
CA ILE A 245 5.02 -0.82 13.04
C ILE A 245 4.34 -1.68 11.98
N VAL A 246 3.58 -1.05 11.12
CA VAL A 246 2.84 -1.87 10.12
C VAL A 246 3.83 -2.56 9.13
N PHE A 247 4.89 -1.85 8.77
CA PHE A 247 5.95 -2.43 8.00
C PHE A 247 6.48 -3.71 8.69
N GLY A 248 6.74 -3.56 9.97
CA GLY A 248 7.21 -4.69 10.85
C GLY A 248 6.27 -5.86 10.88
N ALA A 249 4.97 -5.63 10.70
CA ALA A 249 3.91 -6.57 10.97
C ALA A 249 3.45 -7.19 9.67
N SER A 250 3.98 -6.65 8.56
CA SER A 250 3.47 -6.86 7.16
C SER A 250 3.72 -8.21 6.53
N ALA A 251 3.14 -8.48 5.37
CA ALA A 251 3.41 -9.76 4.70
C ALA A 251 4.91 -10.12 4.63
N SER A 252 5.26 -11.35 4.99
CA SER A 252 6.68 -11.73 5.05
C SER A 252 6.90 -13.14 4.47
N ASP A 253 7.85 -13.23 3.55
CA ASP A 253 8.28 -14.48 2.89
C ASP A 253 9.43 -15.17 3.58
N GLN A 254 9.83 -14.66 4.72
CA GLN A 254 10.97 -15.17 5.51
C GLN A 254 10.60 -16.53 6.11
N PRO A 255 11.50 -17.53 6.03
CA PRO A 255 11.23 -18.87 6.58
C PRO A 255 11.03 -18.77 8.08
N THR A 256 10.26 -19.68 8.64
CA THR A 256 10.12 -19.75 10.08
C THR A 256 11.40 -20.29 10.75
N PHE A 295 7.97 -20.05 3.24
CA PHE A 295 6.62 -19.87 2.68
C PHE A 295 6.56 -18.62 1.81
N LYS A 296 5.61 -18.58 0.88
CA LYS A 296 5.35 -17.39 0.10
C LYS A 296 4.07 -16.75 0.62
N SER A 297 4.20 -15.54 1.19
CA SER A 297 3.03 -14.81 1.69
C SER A 297 2.07 -14.43 0.58
N LYS A 298 2.60 -14.23 -0.62
CA LYS A 298 1.75 -13.73 -1.73
C LYS A 298 1.12 -12.34 -1.45
N GLY A 299 1.68 -11.62 -0.47
CA GLY A 299 1.24 -10.27 -0.13
C GLY A 299 0.17 -10.26 0.95
N ARG A 300 -0.05 -11.41 1.60
CA ARG A 300 -1.07 -11.53 2.60
C ARG A 300 -0.46 -11.23 3.92
N GLY A 301 -1.14 -10.39 4.67
CA GLY A 301 -0.50 -9.99 5.89
C GLY A 301 -1.08 -8.78 6.47
N PHE A 302 -0.51 -8.39 7.59
CA PHE A 302 -0.96 -7.19 8.26
C PHE A 302 -0.35 -5.97 7.61
N ASN A 303 -0.89 -5.64 6.47
CA ASN A 303 -0.30 -4.61 5.60
C ASN A 303 -0.75 -3.14 5.74
N TRP A 304 -1.82 -2.87 6.52
CA TRP A 304 -2.56 -1.59 6.48
C TRP A 304 -2.69 -1.21 7.94
N ALA A 305 -2.74 0.09 8.15
CA ALA A 305 -2.85 0.70 9.52
C ALA A 305 -3.58 2.03 9.44
N ASN A 306 -4.39 2.32 10.49
CA ASN A 306 -4.95 3.63 10.67
C ASN A 306 -4.23 4.30 11.83
N PHE A 307 -3.69 5.48 11.58
CA PHE A 307 -3.01 6.31 12.66
C PHE A 307 -3.98 7.33 13.23
N ASP A 308 -4.28 7.17 14.52
CA ASP A 308 -5.01 8.19 15.25
C ASP A 308 -4.00 9.22 15.73
N SER A 309 -3.97 10.34 15.01
CA SER A 309 -3.05 11.45 15.23
C SER A 309 -3.20 12.06 16.63
N VAL A 310 -4.42 11.97 17.16
CA VAL A 310 -4.80 12.60 18.43
C VAL A 310 -4.63 11.64 19.64
N LYS A 311 -5.12 10.39 19.54
CA LYS A 311 -4.88 9.38 20.56
C LYS A 311 -3.44 8.84 20.53
N LYS A 312 -2.71 9.10 19.44
CA LYS A 312 -1.37 8.50 19.25
C LYS A 312 -1.39 6.94 19.36
N LYS A 313 -2.25 6.36 18.51
CA LYS A 313 -2.44 4.92 18.35
C LYS A 313 -2.43 4.54 16.89
N CYS A 314 -1.98 3.32 16.67
CA CYS A 314 -1.81 2.69 15.37
C CYS A 314 -2.67 1.43 15.33
N TYR A 315 -3.66 1.36 14.44
CA TYR A 315 -4.52 0.19 14.38
C TYR A 315 -4.18 -0.60 13.12
N ILE A 316 -3.56 -1.78 13.26
CA ILE A 316 -3.09 -2.55 12.08
C ILE A 316 -4.05 -3.63 11.73
N PHE A 317 -4.14 -4.06 10.46
CA PHE A 317 -5.13 -5.08 10.21
C PHE A 317 -4.68 -5.84 9.00
N ASN A 318 -5.29 -6.99 8.77
CA ASN A 318 -4.87 -7.91 7.69
C ASN A 318 -5.85 -8.22 6.65
N THR A 319 -6.93 -7.45 6.58
CA THR A 319 -7.97 -7.67 5.57
C THR A 319 -7.93 -6.42 4.67
N LYS A 320 -8.01 -6.59 3.36
CA LYS A 320 -7.86 -5.42 2.52
C LYS A 320 -9.05 -4.48 2.74
N PRO A 321 -8.74 -3.19 2.81
CA PRO A 321 -9.79 -2.19 2.97
C PRO A 321 -10.53 -1.92 1.68
N THR A 322 -11.77 -1.50 1.79
CA THR A 322 -12.57 -1.27 0.62
C THR A 322 -13.15 0.10 0.50
N CYS A 323 -12.88 1.08 1.43
CA CYS A 323 -13.28 2.42 1.29
C CYS A 323 -12.48 3.14 2.37
N LEU A 324 -12.61 4.44 2.36
CA LEU A 324 -12.11 5.34 3.41
C LEU A 324 -13.23 5.97 4.19
N ILE A 325 -12.95 6.22 5.48
CA ILE A 325 -13.84 6.94 6.37
C ILE A 325 -13.16 8.33 6.56
N ASN A 326 -13.89 9.41 6.32
CA ASN A 326 -13.35 10.72 6.46
C ASN A 326 -13.38 11.13 7.93
N ASP A 327 -12.21 11.14 8.55
CA ASP A 327 -12.12 11.45 9.94
C ASP A 327 -10.92 12.34 10.20
N LYS A 328 -11.18 13.57 10.67
CA LYS A 328 -10.10 14.56 10.82
C LYS A 328 -8.91 14.10 11.71
N ASN A 329 -9.11 13.09 12.54
CA ASN A 329 -8.06 12.64 13.49
C ASN A 329 -7.10 11.61 13.00
N PHE A 330 -7.37 11.06 11.81
CA PHE A 330 -6.62 9.94 11.32
C PHE A 330 -5.79 10.15 10.01
N ILE A 331 -4.75 9.36 9.89
CA ILE A 331 -4.04 9.16 8.62
C ILE A 331 -4.09 7.66 8.21
N ALA A 332 -4.39 7.32 6.94
CA ALA A 332 -4.38 5.91 6.53
C ALA A 332 -3.02 5.58 5.87
N THR A 333 -2.28 4.66 6.48
CA THR A 333 -0.96 4.24 5.95
C THR A 333 -0.86 2.73 5.65
N THR A 334 0.18 2.33 4.89
CA THR A 334 0.41 0.92 4.64
C THR A 334 1.89 0.64 4.71
N ALA A 335 2.17 -0.66 4.75
CA ALA A 335 3.55 -1.19 4.78
C ALA A 335 4.41 -0.76 3.60
N LEU A 336 3.79 -0.46 2.45
CA LEU A 336 4.48 0.03 1.28
C LEU A 336 4.72 1.55 1.26
N SER A 337 3.87 2.26 2.01
CA SER A 337 3.69 3.71 1.89
C SER A 337 4.92 4.41 2.42
N HIS A 338 5.20 5.60 1.90
CA HIS A 338 6.25 6.53 2.33
C HIS A 338 6.08 6.77 3.82
N PRO A 339 7.17 6.81 4.58
CA PRO A 339 7.08 7.15 6.03
C PRO A 339 6.49 8.49 6.44
N GLN A 340 6.39 9.44 5.52
CA GLN A 340 6.05 10.78 5.92
C GLN A 340 5.06 11.53 5.06
N GLU A 341 5.04 11.31 3.75
CA GLU A 341 4.26 12.19 2.89
C GLU A 341 2.80 12.01 3.22
N VAL A 342 2.04 13.10 3.32
CA VAL A 342 0.65 12.95 3.65
C VAL A 342 -0.13 13.87 2.72
N ASP A 343 -1.20 13.37 2.15
CA ASP A 343 -2.15 14.18 1.34
C ASP A 343 -3.43 14.37 2.12
N LEU A 344 -3.73 15.64 2.47
CA LEU A 344 -4.80 15.99 3.43
C LEU A 344 -6.13 16.16 2.72
N GLU A 345 -6.17 16.00 1.38
CA GLU A 345 -7.38 16.37 0.64
C GLU A 345 -8.25 15.13 0.42
N PHE A 346 -9.28 14.96 1.26
CA PHE A 346 -10.15 13.78 1.10
C PHE A 346 -10.96 14.01 -0.17
N PRO A 347 -11.26 12.96 -0.96
CA PRO A 347 -12.15 13.14 -2.07
C PRO A 347 -13.65 13.31 -1.65
N CYS A 348 -13.96 14.44 -1.03
CA CYS A 348 -15.32 14.80 -0.58
C CYS A 348 -16.45 14.48 -1.57
N SER A 349 -16.16 14.68 -2.86
CA SER A 349 -17.21 14.59 -3.90
C SER A 349 -17.51 13.18 -4.41
N ILE A 350 -16.77 12.16 -3.92
CA ILE A 350 -16.98 10.81 -4.40
C ILE A 350 -18.43 10.28 -4.40
N TYR A 351 -19.17 10.60 -3.37
CA TYR A 351 -20.52 10.11 -3.18
C TYR A 351 -21.52 10.87 -4.08
N LYS A 352 -21.40 12.19 -4.06
CA LYS A 352 -22.33 13.06 -4.80
C LYS A 352 -22.13 12.78 -6.28
N ASP A 353 -20.89 12.61 -6.69
CA ASP A 353 -20.60 12.25 -8.10
C ASP A 353 -21.28 11.01 -8.64
N GLU A 354 -21.30 9.91 -7.87
CA GLU A 354 -21.94 8.65 -8.32
C GLU A 354 -23.44 8.81 -8.35
N ILE A 355 -23.96 9.51 -7.37
CA ILE A 355 -25.39 9.65 -7.22
C ILE A 355 -25.88 10.44 -8.41
N GLU A 356 -25.17 11.55 -8.70
CA GLU A 356 -25.51 12.44 -9.81
C GLU A 356 -25.34 11.76 -11.15
N ARG A 357 -24.26 10.99 -11.28
CA ARG A 357 -23.97 10.23 -12.48
C ARG A 357 -25.07 9.23 -12.76
N GLU A 358 -25.59 8.59 -11.72
CA GLU A 358 -26.65 7.61 -11.89
C GLU A 358 -27.99 8.25 -12.30
N ILE A 359 -28.36 9.35 -11.64
CA ILE A 359 -29.62 10.06 -11.95
C ILE A 359 -29.63 10.46 -13.43
N LYS A 360 -28.45 10.81 -13.96
CA LYS A 360 -28.25 10.93 -15.40
C LYS A 360 -28.12 9.54 -16.08
N LYS A 361 -29.00 8.60 -15.72
CA LYS A 361 -29.09 7.32 -16.41
C LYS A 361 -30.21 7.50 -17.43
N GLN A 362 -31.37 7.92 -16.94
CA GLN A 362 -32.50 8.28 -17.78
C GLN A 362 -32.63 9.80 -17.86
N GLU A 374 -41.92 7.15 -15.97
CA GLU A 374 -40.52 7.38 -15.59
C GLU A 374 -40.25 6.84 -14.18
N ARG A 375 -38.96 6.75 -13.84
CA ARG A 375 -38.52 6.09 -12.64
C ARG A 375 -37.13 6.59 -12.32
N ILE A 376 -36.98 7.34 -11.23
CA ILE A 376 -35.66 7.63 -10.71
C ILE A 376 -35.29 6.46 -9.74
N VAL A 377 -34.14 5.84 -9.95
CA VAL A 377 -33.73 4.75 -9.07
C VAL A 377 -32.46 5.25 -8.39
N LEU A 378 -32.52 5.55 -7.08
CA LEU A 378 -31.35 6.13 -6.41
C LEU A 378 -30.33 5.06 -5.94
N PRO A 379 -29.03 5.29 -6.11
CA PRO A 379 -28.05 4.28 -5.68
C PRO A 379 -28.14 3.95 -4.22
N ARG A 380 -27.50 2.86 -3.79
CA ARG A 380 -27.39 2.57 -2.41
C ARG A 380 -26.16 3.27 -1.83
N ILE A 381 -26.25 4.57 -1.80
CA ILE A 381 -25.26 5.47 -1.21
C ILE A 381 -25.98 6.33 -0.23
N PHE A 382 -25.55 6.15 1.01
CA PHE A 382 -26.24 6.70 2.19
C PHE A 382 -25.44 7.71 2.95
N ILE A 383 -24.39 8.22 2.30
CA ILE A 383 -23.54 9.27 2.87
C ILE A 383 -23.23 10.23 1.71
N SER A 384 -23.16 11.49 2.04
CA SER A 384 -22.96 12.55 1.02
C SER A 384 -22.68 13.87 1.68
N ASN A 385 -22.07 14.78 0.93
CA ASN A 385 -21.95 16.13 1.38
C ASN A 385 -23.18 16.97 1.05
N ASP A 386 -24.06 16.40 0.25
CA ASP A 386 -25.33 17.04 -0.02
C ASP A 386 -26.43 16.25 0.66
N LYS A 387 -26.85 16.75 1.81
CA LYS A 387 -27.75 15.99 2.70
C LYS A 387 -29.07 15.57 2.07
N GLU A 388 -29.62 16.40 1.16
CA GLU A 388 -30.83 16.10 0.38
C GLU A 388 -30.72 15.04 -0.72
N SER A 389 -29.57 14.93 -1.37
CA SER A 389 -29.35 13.93 -2.42
C SER A 389 -29.57 12.49 -1.92
N ILE A 390 -29.35 12.23 -0.63
CA ILE A 390 -29.48 10.84 -0.13
C ILE A 390 -30.96 10.40 -0.13
N LYS A 391 -31.87 11.36 0.06
CA LYS A 391 -33.31 11.10 0.18
C LYS A 391 -33.48 10.23 1.42
N CYS A 392 -32.93 10.65 2.55
CA CYS A 392 -33.02 9.89 3.77
C CYS A 392 -34.48 9.83 4.25
N PRO A 393 -34.97 8.64 4.65
CA PRO A 393 -36.24 8.50 5.37
C PRO A 393 -36.44 9.38 6.60
N CYS A 394 -35.36 9.78 7.27
CA CYS A 394 -35.36 10.59 8.53
C CYS A 394 -34.35 11.77 8.43
N GLU A 395 -34.00 12.45 9.53
CA GLU A 395 -32.99 13.50 9.41
C GLU A 395 -31.56 12.90 9.36
N PRO A 396 -30.84 13.07 8.26
CA PRO A 396 -29.42 12.62 8.21
C PRO A 396 -28.60 13.17 9.37
N GLU A 397 -27.74 12.34 9.96
CA GLU A 397 -26.75 12.76 10.98
C GLU A 397 -25.56 13.53 10.34
N ARG A 398 -25.17 14.67 10.92
CA ARG A 398 -23.92 15.33 10.52
C ARG A 398 -22.73 14.67 11.22
N ILE A 399 -21.70 14.38 10.44
CA ILE A 399 -20.52 13.65 10.99
C ILE A 399 -19.55 14.72 11.40
N SER A 400 -19.39 14.86 12.69
CA SER A 400 -18.57 15.96 13.20
C SER A 400 -17.07 15.80 12.92
N GLN A 401 -16.62 14.55 12.90
CA GLN A 401 -15.22 14.24 12.56
C GLN A 401 -14.86 14.47 11.08
N SER A 402 -15.85 14.79 10.27
CA SER A 402 -15.70 14.80 8.85
C SER A 402 -15.23 16.15 8.36
N THR A 403 -14.12 16.20 7.64
CA THR A 403 -13.67 17.49 7.08
C THR A 403 -14.55 17.91 5.92
N CYS A 404 -15.23 16.94 5.31
CA CYS A 404 -16.12 17.11 4.15
C CYS A 404 -17.52 17.53 4.46
N ASN A 405 -17.76 17.75 5.76
CA ASN A 405 -19.11 17.93 6.35
C ASN A 405 -20.10 16.96 5.78
N PHE A 406 -19.78 15.68 5.95
CA PHE A 406 -20.59 14.60 5.36
C PHE A 406 -21.76 14.43 6.28
N TYR A 407 -22.83 13.94 5.70
CA TYR A 407 -24.05 13.60 6.39
C TYR A 407 -24.26 12.13 6.13
N VAL A 408 -24.75 11.42 7.14
CA VAL A 408 -25.08 10.05 6.93
C VAL A 408 -26.57 9.74 7.20
N CYS A 409 -27.16 8.92 6.35
CA CYS A 409 -28.49 8.39 6.57
C CYS A 409 -28.40 7.03 7.25
N ASN A 410 -28.59 7.07 8.56
CA ASN A 410 -28.49 5.87 9.43
C ASN A 410 -29.76 5.06 9.41
N CYS A 411 -30.86 5.68 8.99
CA CYS A 411 -32.15 5.08 9.17
C CYS A 411 -32.64 4.47 7.87
N VAL A 412 -31.86 3.54 7.38
CA VAL A 412 -32.20 2.83 6.18
C VAL A 412 -32.04 1.31 6.35
N GLU A 413 -32.68 0.53 5.46
CA GLU A 413 -32.56 -0.94 5.33
C GLU A 413 -31.11 -1.38 4.90
N LYS A 414 -30.37 -2.00 5.80
CA LYS A 414 -29.03 -2.52 5.44
C LYS A 414 -29.05 -3.99 5.02
N ARG A 415 -28.55 -4.27 3.81
CA ARG A 415 -28.48 -5.62 3.27
C ARG A 415 -27.15 -6.39 3.51
N ALA A 416 -26.19 -5.78 4.22
CA ALA A 416 -24.91 -6.42 4.49
C ALA A 416 -24.50 -6.07 5.88
N GLU A 417 -23.57 -6.85 6.41
CA GLU A 417 -23.13 -6.62 7.78
C GLU A 417 -21.72 -7.25 7.83
N ILE A 418 -20.94 -6.85 8.80
CA ILE A 418 -19.56 -7.38 8.95
C ILE A 418 -19.65 -8.49 9.97
N LYS A 419 -18.99 -9.60 9.69
CA LYS A 419 -19.04 -10.76 10.55
C LYS A 419 -17.60 -11.07 10.88
N GLU A 420 -17.33 -12.22 11.49
CA GLU A 420 -15.97 -12.53 11.98
C GLU A 420 -14.92 -12.38 10.89
N ASN A 421 -13.70 -12.12 11.33
CA ASN A 421 -12.53 -12.00 10.43
C ASN A 421 -12.74 -10.86 9.43
N ASN A 422 -13.57 -9.91 9.81
CA ASN A 422 -13.75 -8.65 9.07
C ASN A 422 -14.39 -8.90 7.70
N GLN A 423 -15.18 -9.97 7.59
CA GLN A 423 -15.78 -10.35 6.35
C GLN A 423 -17.17 -9.64 6.25
N VAL A 424 -17.36 -8.94 5.13
CA VAL A 424 -18.68 -8.34 4.76
C VAL A 424 -19.52 -9.36 4.00
N VAL A 425 -20.69 -9.66 4.58
CA VAL A 425 -21.60 -10.65 4.01
C VAL A 425 -23.02 -10.10 3.81
N ILE A 426 -23.72 -10.53 2.75
CA ILE A 426 -25.16 -10.32 2.63
C ILE A 426 -25.95 -10.88 3.83
N LYS A 427 -26.78 -10.04 4.44
CA LYS A 427 -27.67 -10.48 5.54
C LYS A 427 -28.54 -11.63 5.05
N GLU A 428 -28.97 -12.45 6.01
CA GLU A 428 -29.69 -13.71 5.75
C GLU A 428 -30.96 -13.45 4.96
N GLU A 429 -31.77 -12.50 5.44
CA GLU A 429 -33.02 -12.11 4.76
C GLU A 429 -32.93 -11.69 3.28
N PHE A 430 -31.72 -11.56 2.74
CA PHE A 430 -31.53 -11.01 1.38
C PHE A 430 -30.70 -11.91 0.47
N ARG A 431 -30.12 -12.95 1.06
CA ARG A 431 -29.21 -13.84 0.33
C ARG A 431 -29.85 -14.45 -0.93
N ASP A 432 -31.07 -15.00 -0.79
CA ASP A 432 -31.67 -15.69 -1.91
C ASP A 432 -31.87 -14.74 -3.09
N TYR A 433 -32.23 -13.49 -2.77
CA TYR A 433 -32.45 -12.43 -3.75
C TYR A 433 -31.18 -12.05 -4.53
N TYR A 434 -30.01 -12.19 -3.89
CA TYR A 434 -28.74 -11.83 -4.53
C TYR A 434 -28.04 -13.00 -5.22
N GLU A 435 -28.87 -13.80 -5.91
CA GLU A 435 -28.48 -14.89 -6.83
C GLU A 435 -29.70 -15.41 -7.59
N1 IMD B . -6.85 11.18 -0.07
C2 IMD B . -6.10 12.08 0.67
N3 IMD B . -6.64 12.05 1.91
C4 IMD B . -7.68 11.24 2.01
C5 IMD B . -7.79 10.63 0.73
#